data_1HG8
#
_entry.id   1HG8
#
_cell.length_a   58.260
_cell.length_b   61.590
_cell.length_c   98.860
_cell.angle_alpha   90.00
_cell.angle_beta   90.00
_cell.angle_gamma   90.00
#
_symmetry.space_group_name_H-M   'P 21 21 21'
#
loop_
_entity.id
_entity.type
_entity.pdbx_description
1 polymer ENDOPOLYGALACTURONASE
2 branched 2-acetamido-2-deoxy-beta-D-glucopyranose-(1-4)-2-acetamido-2-deoxy-beta-D-glucopyranose
3 non-polymer 2-acetamido-2-deoxy-beta-D-glucopyranose
4 water water
#
_entity_poly.entity_id   1
_entity_poly.type   'polypeptide(L)'
_entity_poly.pdbx_seq_one_letter_code
;DPCSVTEYSGLATAVSSCKNIVLNGFQVPTGKQLDLSSLQNDSTVTFKGTTTFATTADNDFNPIVISGSNITITGASGHV
IDGNGQAYWDGKGSNSNSNQKPDHFIVVQKTTGNSKITNLNIQNWPVHCFDITGSSQLTISGLILDNRAGDKPNAKSGSL
PAAHNTDGFDISSSDHVTLDNNHVYNQDDCVAVTSGTNIVVSNMYCSGGHGLSIGSVGGKSDNVVDGVQFLSSQVVNSQN
GCRIKSNSGATGTINNVTYQNIALTNISTYGVDVQQDYLNGGPTGKPTNGVKISNIKFIKVTGTVASSAQDWFILCGDGS
CSGFTFSGNAITGGGKTSSCNYPTNTCPS
;
_entity_poly.pdbx_strand_id   A
#
# COMPACT_ATOMS: atom_id res chain seq x y z
N ASP A 1 -21.48 -28.99 -8.55
CA ASP A 1 -21.72 -27.66 -8.02
C ASP A 1 -20.92 -26.60 -8.77
N PRO A 2 -21.65 -25.81 -9.60
CA PRO A 2 -21.03 -24.77 -10.42
C PRO A 2 -20.42 -23.65 -9.56
N CYS A 3 -20.93 -23.54 -8.32
CA CYS A 3 -20.47 -22.47 -7.45
C CYS A 3 -19.16 -22.84 -6.76
N SER A 4 -18.81 -24.14 -6.87
CA SER A 4 -17.54 -24.60 -6.30
C SER A 4 -16.49 -24.80 -7.39
N VAL A 5 -15.62 -23.77 -7.55
CA VAL A 5 -14.63 -23.82 -8.62
C VAL A 5 -13.39 -24.62 -8.19
N THR A 6 -13.11 -25.68 -8.95
CA THR A 6 -11.92 -26.48 -8.67
C THR A 6 -10.80 -26.18 -9.67
N GLU A 7 -11.20 -25.61 -10.81
CA GLU A 7 -10.22 -25.21 -11.82
C GLU A 7 -10.62 -23.89 -12.50
N TYR A 8 -9.59 -23.20 -13.01
CA TYR A 8 -9.81 -21.88 -13.58
C TYR A 8 -10.95 -21.87 -14.61
N SER A 9 -11.10 -22.99 -15.33
CA SER A 9 -12.06 -23.04 -16.43
C SER A 9 -13.51 -22.95 -15.94
N GLY A 10 -13.68 -23.06 -14.61
CA GLY A 10 -15.04 -23.07 -14.06
C GLY A 10 -15.39 -21.77 -13.33
N LEU A 11 -14.46 -20.80 -13.41
CA LEU A 11 -14.68 -19.54 -12.71
C LEU A 11 -15.80 -18.72 -13.34
N ALA A 12 -15.66 -18.46 -14.65
CA ALA A 12 -16.63 -17.61 -15.34
C ALA A 12 -18.07 -18.01 -15.02
N THR A 13 -18.37 -19.30 -15.22
CA THR A 13 -19.72 -19.78 -15.01
C THR A 13 -20.18 -19.53 -13.56
N ALA A 14 -19.24 -19.72 -12.63
CA ALA A 14 -19.58 -19.55 -11.22
C ALA A 14 -19.95 -18.10 -10.91
N VAL A 15 -19.23 -17.17 -11.56
CA VAL A 15 -19.48 -15.76 -11.30
C VAL A 15 -20.81 -15.29 -11.89
N SER A 16 -21.27 -16.03 -12.92
CA SER A 16 -22.51 -15.61 -13.58
C SER A 16 -23.74 -16.32 -12.99
N SER A 17 -23.48 -17.39 -12.21
CA SER A 17 -24.59 -18.22 -11.74
C SER A 17 -24.73 -18.21 -10.22
N CYS A 18 -23.66 -17.81 -9.52
CA CYS A 18 -23.69 -18.02 -8.09
C CYS A 18 -23.43 -16.71 -7.33
N LYS A 19 -24.20 -16.53 -6.24
CA LYS A 19 -23.93 -15.40 -5.36
C LYS A 19 -22.94 -15.78 -4.27
N ASN A 20 -22.78 -17.10 -4.08
CA ASN A 20 -21.79 -17.61 -3.14
C ASN A 20 -20.80 -18.56 -3.83
N ILE A 21 -19.62 -18.02 -4.14
CA ILE A 21 -18.64 -18.81 -4.89
C ILE A 21 -17.48 -19.26 -3.99
N VAL A 22 -16.99 -20.48 -4.27
CA VAL A 22 -15.88 -20.99 -3.45
C VAL A 22 -14.70 -21.44 -4.30
N LEU A 23 -13.59 -20.68 -4.21
CA LEU A 23 -12.37 -21.12 -4.91
C LEU A 23 -11.57 -22.11 -4.05
N ASN A 24 -11.38 -23.33 -4.60
CA ASN A 24 -10.82 -24.40 -3.80
C ASN A 24 -9.29 -24.42 -3.85
N GLY A 25 -8.74 -23.42 -4.57
CA GLY A 25 -7.28 -23.32 -4.59
C GLY A 25 -6.66 -24.06 -5.77
N PHE A 26 -6.69 -23.40 -6.94
CA PHE A 26 -6.04 -23.94 -8.11
C PHE A 26 -5.05 -22.94 -8.71
N GLN A 27 -4.33 -23.39 -9.74
CA GLN A 27 -3.37 -22.49 -10.38
C GLN A 27 -3.95 -21.84 -11.63
N VAL A 28 -3.87 -20.49 -11.65
CA VAL A 28 -4.33 -19.77 -12.83
C VAL A 28 -3.29 -19.83 -13.95
N PRO A 29 -3.72 -20.39 -15.10
CA PRO A 29 -2.83 -20.60 -16.23
C PRO A 29 -2.19 -19.30 -16.69
N THR A 30 -1.02 -19.44 -17.35
CA THR A 30 -0.32 -18.26 -17.83
C THR A 30 -1.19 -17.41 -18.76
N GLY A 31 -1.19 -16.08 -18.50
CA GLY A 31 -1.80 -15.09 -19.38
C GLY A 31 -3.29 -14.90 -19.09
N LYS A 32 -3.81 -15.75 -18.17
CA LYS A 32 -5.22 -15.68 -17.82
C LYS A 32 -5.43 -14.96 -16.48
N GLN A 33 -6.31 -13.95 -16.50
CA GLN A 33 -6.50 -13.19 -15.26
C GLN A 33 -7.71 -13.70 -14.46
N LEU A 34 -7.49 -13.86 -13.14
CA LEU A 34 -8.60 -14.22 -12.26
C LEU A 34 -9.66 -13.11 -12.25
N ASP A 35 -10.59 -13.22 -13.20
CA ASP A 35 -11.47 -12.09 -13.43
C ASP A 35 -12.67 -12.10 -12.49
N LEU A 36 -12.64 -11.17 -11.52
CA LEU A 36 -13.78 -11.07 -10.61
C LEU A 36 -14.48 -9.71 -10.75
N SER A 37 -14.38 -9.14 -11.96
CA SER A 37 -14.93 -7.81 -12.17
C SER A 37 -16.44 -7.83 -12.44
N SER A 38 -16.96 -9.06 -12.60
CA SER A 38 -18.38 -9.18 -12.97
C SER A 38 -19.22 -9.79 -11.85
N LEU A 39 -18.70 -9.68 -10.61
CA LEU A 39 -19.38 -10.28 -9.48
C LEU A 39 -20.79 -9.70 -9.32
N GLN A 40 -21.75 -10.60 -9.08
CA GLN A 40 -23.13 -10.17 -8.86
C GLN A 40 -23.29 -9.43 -7.53
N ASN A 41 -24.40 -8.69 -7.43
CA ASN A 41 -24.65 -7.93 -6.20
C ASN A 41 -24.84 -8.86 -4.99
N ASP A 42 -24.21 -8.47 -3.86
CA ASP A 42 -24.36 -9.26 -2.63
C ASP A 42 -23.67 -10.61 -2.76
N SER A 43 -22.65 -10.65 -3.63
CA SER A 43 -21.95 -11.89 -3.88
C SER A 43 -20.80 -12.10 -2.90
N THR A 44 -20.52 -13.38 -2.62
CA THR A 44 -19.40 -13.68 -1.71
C THR A 44 -18.45 -14.71 -2.33
N VAL A 45 -17.15 -14.32 -2.37
CA VAL A 45 -16.14 -15.24 -2.86
C VAL A 45 -15.21 -15.69 -1.73
N THR A 46 -15.12 -17.02 -1.55
CA THR A 46 -14.28 -17.53 -0.47
C THR A 46 -13.08 -18.31 -1.01
N PHE A 47 -11.88 -17.84 -0.63
CA PHE A 47 -10.66 -18.55 -1.04
C PHE A 47 -10.37 -19.74 -0.12
N LYS A 48 -10.32 -20.94 -0.75
CA LYS A 48 -9.91 -22.12 0.00
C LYS A 48 -8.66 -22.75 -0.62
N GLY A 49 -7.97 -23.57 0.20
CA GLY A 49 -6.78 -24.23 -0.30
C GLY A 49 -5.72 -23.20 -0.72
N THR A 50 -4.83 -23.65 -1.64
CA THR A 50 -3.77 -22.75 -2.08
C THR A 50 -3.96 -22.33 -3.53
N THR A 51 -4.20 -21.02 -3.71
CA THR A 51 -4.31 -20.48 -5.05
C THR A 51 -2.95 -20.00 -5.57
N THR A 52 -2.59 -20.51 -6.76
CA THR A 52 -1.30 -20.13 -7.31
C THR A 52 -1.45 -19.56 -8.72
N PHE A 53 -0.39 -18.87 -9.17
CA PHE A 53 -0.42 -18.30 -10.50
C PHE A 53 0.73 -18.80 -11.36
N ALA A 54 0.39 -19.20 -12.59
CA ALA A 54 1.45 -19.44 -13.57
C ALA A 54 2.27 -18.17 -13.83
N THR A 55 3.42 -18.37 -14.49
CA THR A 55 4.30 -17.24 -14.77
C THR A 55 3.85 -16.47 -16.01
N THR A 56 3.57 -15.16 -15.80
CA THR A 56 3.24 -14.27 -16.91
C THR A 56 4.14 -13.05 -16.96
N ALA A 57 5.27 -13.21 -17.66
CA ALA A 57 6.23 -12.11 -17.75
C ALA A 57 5.68 -10.93 -18.54
N ASP A 58 4.79 -10.16 -17.87
CA ASP A 58 4.25 -8.96 -18.49
C ASP A 58 3.89 -7.91 -17.43
N ASN A 59 4.42 -6.69 -17.65
CA ASN A 59 4.25 -5.64 -16.65
C ASN A 59 2.79 -5.21 -16.51
N ASP A 60 2.08 -5.19 -17.66
CA ASP A 60 0.73 -4.64 -17.65
C ASP A 60 -0.32 -5.70 -17.27
N PHE A 61 0.15 -6.94 -17.07
CA PHE A 61 -0.79 -8.01 -16.72
C PHE A 61 -1.30 -7.88 -15.29
N ASN A 62 -2.63 -8.01 -15.15
CA ASN A 62 -3.26 -7.95 -13.83
C ASN A 62 -3.91 -9.28 -13.44
N PRO A 63 -3.19 -10.04 -12.60
CA PRO A 63 -3.60 -11.37 -12.21
C PRO A 63 -5.03 -11.41 -11.67
N ILE A 64 -5.30 -10.51 -10.69
CA ILE A 64 -6.61 -10.54 -10.04
C ILE A 64 -7.30 -9.17 -10.10
N VAL A 65 -8.57 -9.19 -10.54
CA VAL A 65 -9.36 -7.98 -10.56
C VAL A 65 -10.71 -8.17 -9.86
N ILE A 66 -11.02 -7.24 -8.94
CA ILE A 66 -12.25 -7.36 -8.17
C ILE A 66 -13.16 -6.14 -8.35
N SER A 67 -14.43 -6.42 -8.66
CA SER A 67 -15.41 -5.35 -8.80
C SER A 67 -16.82 -5.84 -8.44
N GLY A 68 -17.68 -4.85 -8.09
CA GLY A 68 -19.05 -5.21 -7.77
C GLY A 68 -19.60 -4.37 -6.62
N SER A 69 -20.91 -4.54 -6.34
CA SER A 69 -21.54 -3.77 -5.27
C SER A 69 -21.91 -4.66 -4.09
N ASN A 70 -21.54 -4.20 -2.88
CA ASN A 70 -21.86 -4.96 -1.68
C ASN A 70 -21.36 -6.41 -1.79
N ILE A 71 -20.13 -6.55 -2.33
CA ILE A 71 -19.56 -7.89 -2.47
C ILE A 71 -18.61 -8.20 -1.31
N THR A 72 -18.33 -9.51 -1.14
CA THR A 72 -17.47 -9.91 -0.04
C THR A 72 -16.40 -10.89 -0.48
N ILE A 73 -15.13 -10.46 -0.32
CA ILE A 73 -14.03 -11.35 -0.65
C ILE A 73 -13.27 -11.80 0.60
N THR A 74 -13.46 -13.07 0.95
CA THR A 74 -12.83 -13.60 2.15
C THR A 74 -12.16 -14.95 1.88
N GLY A 75 -11.54 -15.50 2.94
CA GLY A 75 -10.89 -16.80 2.80
C GLY A 75 -11.22 -17.73 3.97
N ALA A 76 -11.05 -19.05 3.71
CA ALA A 76 -11.26 -20.03 4.77
C ALA A 76 -9.96 -20.34 5.51
N SER A 77 -10.12 -20.90 6.72
CA SER A 77 -8.95 -21.18 7.54
C SER A 77 -7.90 -22.00 6.77
N GLY A 78 -6.65 -21.51 6.84
CA GLY A 78 -5.47 -22.22 6.34
C GLY A 78 -5.27 -22.02 4.84
N HIS A 79 -6.18 -21.21 4.25
CA HIS A 79 -6.06 -20.92 2.82
C HIS A 79 -4.85 -20.04 2.54
N VAL A 80 -4.38 -20.11 1.27
CA VAL A 80 -3.21 -19.33 0.91
C VAL A 80 -3.29 -18.82 -0.54
N ILE A 81 -2.87 -17.55 -0.72
CA ILE A 81 -2.88 -16.97 -2.06
C ILE A 81 -1.46 -16.55 -2.49
N ASP A 82 -0.83 -17.43 -3.29
CA ASP A 82 0.52 -17.13 -3.76
C ASP A 82 0.50 -16.36 -5.09
N GLY A 83 1.36 -15.33 -5.16
CA GLY A 83 1.37 -14.48 -6.35
C GLY A 83 2.50 -14.88 -7.32
N ASN A 84 3.25 -15.92 -6.94
CA ASN A 84 4.32 -16.38 -7.81
C ASN A 84 5.43 -15.34 -7.95
N GLY A 85 5.69 -14.64 -6.82
CA GLY A 85 6.66 -13.56 -6.87
C GLY A 85 8.09 -14.08 -7.13
N GLN A 86 8.39 -15.24 -6.53
CA GLN A 86 9.74 -15.79 -6.66
C GLN A 86 10.17 -15.92 -8.14
N ALA A 87 9.15 -16.08 -9.01
CA ALA A 87 9.45 -16.26 -10.43
C ALA A 87 9.78 -14.93 -11.12
N TYR A 88 9.39 -13.83 -10.46
CA TYR A 88 9.57 -12.52 -11.08
C TYR A 88 10.76 -11.75 -10.47
N TRP A 89 10.80 -11.74 -9.13
CA TRP A 89 11.80 -10.93 -8.43
C TRP A 89 13.18 -11.02 -9.08
N ASP A 90 13.78 -9.83 -9.28
CA ASP A 90 15.17 -9.78 -9.75
C ASP A 90 15.92 -8.61 -9.12
N GLY A 91 15.31 -8.06 -8.05
CA GLY A 91 15.69 -7.03 -7.08
C GLY A 91 15.58 -5.63 -7.68
N LYS A 92 14.91 -5.56 -8.85
CA LYS A 92 14.75 -4.27 -9.51
C LYS A 92 13.30 -3.79 -9.44
N GLY A 93 12.40 -4.73 -9.12
CA GLY A 93 11.00 -4.37 -8.96
C GLY A 93 10.38 -3.86 -10.26
N SER A 94 9.80 -2.65 -10.17
CA SER A 94 9.02 -2.12 -11.29
C SER A 94 9.92 -1.38 -12.29
N ASN A 95 11.23 -1.40 -12.01
CA ASN A 95 12.16 -0.76 -12.93
C ASN A 95 11.89 -1.16 -14.38
N SER A 96 11.81 -0.14 -15.24
CA SER A 96 11.40 -0.39 -16.63
C SER A 96 12.37 -1.34 -17.34
N ASN A 97 13.66 -1.25 -16.96
CA ASN A 97 14.68 -1.98 -17.72
C ASN A 97 14.98 -3.33 -17.08
N SER A 98 14.04 -3.79 -16.23
CA SER A 98 14.24 -5.08 -15.57
C SER A 98 13.28 -6.14 -16.12
N ASN A 99 13.44 -7.38 -15.60
CA ASN A 99 12.55 -8.46 -15.99
C ASN A 99 11.08 -8.06 -15.83
N GLN A 100 10.27 -8.48 -16.82
CA GLN A 100 8.86 -8.11 -16.81
C GLN A 100 8.09 -8.84 -15.71
N LYS A 101 7.40 -8.04 -14.87
CA LYS A 101 6.60 -8.63 -13.80
C LYS A 101 5.32 -7.82 -13.55
N PRO A 102 4.22 -8.56 -13.33
CA PRO A 102 2.93 -7.95 -13.07
C PRO A 102 3.03 -6.85 -12.02
N ASP A 103 2.74 -5.61 -12.47
CA ASP A 103 2.87 -4.47 -11.58
C ASP A 103 1.79 -4.49 -10.47
N HIS A 104 0.55 -4.78 -10.89
CA HIS A 104 -0.54 -4.82 -9.93
C HIS A 104 -1.09 -6.24 -9.77
N PHE A 105 -0.83 -6.82 -8.58
CA PHE A 105 -1.31 -8.18 -8.31
C PHE A 105 -2.84 -8.21 -8.21
N ILE A 106 -3.36 -7.42 -7.24
CA ILE A 106 -4.80 -7.38 -7.05
C ILE A 106 -5.36 -5.97 -7.27
N VAL A 107 -6.23 -5.86 -8.28
CA VAL A 107 -6.82 -4.55 -8.58
C VAL A 107 -8.27 -4.47 -8.12
N VAL A 108 -8.49 -3.65 -7.07
CA VAL A 108 -9.84 -3.45 -6.58
C VAL A 108 -10.42 -2.13 -7.11
N GLN A 109 -11.13 -2.23 -8.25
CA GLN A 109 -11.70 -1.04 -8.85
C GLN A 109 -13.21 -1.16 -9.03
N LYS A 110 -13.90 0.00 -8.87
CA LYS A 110 -15.34 0.03 -9.09
C LYS A 110 -16.09 -0.82 -8.04
N THR A 111 -15.48 -0.89 -6.84
CA THR A 111 -16.12 -1.63 -5.74
C THR A 111 -16.87 -0.69 -4.79
N THR A 112 -18.19 -0.94 -4.66
CA THR A 112 -19.01 -0.08 -3.82
C THR A 112 -20.10 -0.88 -3.09
N GLY A 113 -20.97 -0.14 -2.37
CA GLY A 113 -22.08 -0.82 -1.72
C GLY A 113 -21.66 -1.52 -0.42
N ASN A 114 -20.76 -0.83 0.32
CA ASN A 114 -20.32 -1.38 1.60
C ASN A 114 -19.66 -2.76 1.43
N SER A 115 -18.88 -2.90 0.34
CA SER A 115 -18.17 -4.15 0.14
C SER A 115 -16.99 -4.28 1.11
N LYS A 116 -16.47 -5.53 1.21
CA LYS A 116 -15.41 -5.76 2.18
C LYS A 116 -14.53 -6.95 1.80
N ILE A 117 -13.23 -6.81 2.12
CA ILE A 117 -12.30 -7.92 1.91
C ILE A 117 -11.58 -8.27 3.21
N THR A 118 -11.73 -9.55 3.65
CA THR A 118 -11.28 -9.87 5.00
C THR A 118 -10.61 -11.25 5.10
N ASN A 119 -9.64 -11.36 6.05
CA ASN A 119 -9.08 -12.65 6.43
C ASN A 119 -8.42 -13.34 5.24
N LEU A 120 -7.61 -12.55 4.50
CA LEU A 120 -6.92 -13.09 3.35
C LEU A 120 -5.43 -13.35 3.64
N ASN A 121 -4.98 -14.56 3.26
CA ASN A 121 -3.57 -14.89 3.43
C ASN A 121 -2.81 -14.82 2.11
N ILE A 122 -2.20 -13.64 1.86
CA ILE A 122 -1.48 -13.46 0.61
C ILE A 122 0.04 -13.49 0.83
N GLN A 123 0.74 -14.11 -0.13
CA GLN A 123 2.18 -14.24 0.02
C GLN A 123 2.90 -14.27 -1.33
N ASN A 124 4.16 -13.79 -1.32
CA ASN A 124 4.99 -13.85 -2.51
C ASN A 124 4.30 -13.26 -3.75
N TRP A 125 4.08 -11.93 -3.70
CA TRP A 125 3.54 -11.27 -4.88
C TRP A 125 4.61 -10.47 -5.63
N PRO A 126 4.38 -10.33 -6.95
CA PRO A 126 5.36 -9.72 -7.86
C PRO A 126 5.82 -8.35 -7.36
N VAL A 127 5.01 -7.32 -7.65
CA VAL A 127 5.39 -5.96 -7.28
C VAL A 127 4.39 -5.36 -6.28
N HIS A 128 3.49 -4.51 -6.82
CA HIS A 128 2.41 -3.97 -6.01
C HIS A 128 1.35 -5.03 -5.71
N CYS A 129 0.89 -5.03 -4.46
CA CYS A 129 -0.12 -6.00 -4.08
C CYS A 129 -1.54 -5.49 -4.38
N PHE A 130 -2.03 -4.60 -3.49
CA PHE A 130 -3.39 -4.12 -3.64
C PHE A 130 -3.44 -2.77 -4.36
N ASP A 131 -4.16 -2.76 -5.50
CA ASP A 131 -4.38 -1.50 -6.20
C ASP A 131 -5.83 -1.06 -6.10
N ILE A 132 -6.14 -0.35 -4.99
CA ILE A 132 -7.50 0.11 -4.78
C ILE A 132 -7.77 1.44 -5.46
N THR A 133 -8.68 1.41 -6.45
CA THR A 133 -8.99 2.63 -7.18
C THR A 133 -10.45 2.66 -7.64
N GLY A 134 -10.99 3.89 -7.74
CA GLY A 134 -12.36 4.05 -8.21
C GLY A 134 -13.35 3.25 -7.37
N SER A 135 -13.03 3.14 -6.07
CA SER A 135 -13.93 2.41 -5.18
C SER A 135 -14.43 3.31 -4.04
N SER A 136 -15.51 2.85 -3.38
CA SER A 136 -16.07 3.62 -2.28
C SER A 136 -16.75 2.72 -1.24
N GLN A 137 -16.84 3.24 -0.01
CA GLN A 137 -17.45 2.45 1.05
C GLN A 137 -16.94 1.00 1.03
N LEU A 138 -15.60 0.87 1.18
CA LEU A 138 -15.00 -0.46 1.16
C LEU A 138 -14.17 -0.71 2.42
N THR A 139 -14.22 -1.96 2.90
CA THR A 139 -13.51 -2.30 4.12
C THR A 139 -12.57 -3.50 3.93
N ILE A 140 -11.30 -3.29 4.31
CA ILE A 140 -10.33 -4.38 4.23
C ILE A 140 -9.65 -4.62 5.58
N SER A 141 -9.90 -5.81 6.15
CA SER A 141 -9.33 -6.13 7.44
C SER A 141 -9.01 -7.63 7.58
N GLY A 142 -8.13 -7.94 8.54
CA GLY A 142 -7.76 -9.33 8.76
C GLY A 142 -6.86 -9.85 7.64
N LEU A 143 -6.24 -8.89 6.92
CA LEU A 143 -5.38 -9.28 5.81
C LEU A 143 -3.93 -9.50 6.26
N ILE A 144 -3.28 -10.48 5.62
CA ILE A 144 -1.89 -10.78 5.97
C ILE A 144 -1.01 -10.88 4.73
N LEU A 145 -0.32 -9.77 4.42
CA LEU A 145 0.57 -9.77 3.26
C LEU A 145 2.01 -10.10 3.67
N ASP A 146 2.45 -11.32 3.31
CA ASP A 146 3.78 -11.75 3.70
C ASP A 146 4.70 -11.92 2.48
N ASN A 147 5.63 -10.96 2.33
CA ASN A 147 6.59 -11.05 1.24
C ASN A 147 8.03 -11.17 1.77
N ARG A 148 8.13 -11.73 2.99
CA ARG A 148 9.44 -11.85 3.62
C ARG A 148 10.39 -12.73 2.79
N ALA A 149 9.79 -13.60 1.97
CA ALA A 149 10.61 -14.48 1.15
C ALA A 149 11.42 -13.71 0.12
N GLY A 150 10.98 -12.46 -0.14
CA GLY A 150 11.68 -11.64 -1.12
C GLY A 150 12.72 -10.73 -0.46
N ASP A 151 12.88 -10.92 0.86
CA ASP A 151 13.85 -10.11 1.58
C ASP A 151 15.29 -10.52 1.25
N LYS A 152 15.47 -11.83 1.04
CA LYS A 152 16.80 -12.32 0.68
C LYS A 152 17.02 -12.28 -0.84
N PRO A 153 18.31 -12.10 -1.21
CA PRO A 153 18.69 -12.01 -2.61
C PRO A 153 18.62 -13.37 -3.31
N ASN A 154 18.25 -13.33 -4.60
CA ASN A 154 18.20 -14.58 -5.37
C ASN A 154 19.28 -14.63 -6.44
N ALA A 155 19.02 -15.44 -7.48
CA ALA A 155 20.00 -15.59 -8.54
C ALA A 155 19.83 -14.51 -9.63
N LYS A 156 18.94 -13.55 -9.34
CA LYS A 156 18.69 -12.53 -10.34
C LYS A 156 18.90 -11.12 -9.77
N SER A 157 19.03 -11.06 -8.44
CA SER A 157 19.21 -9.76 -7.79
C SER A 157 20.65 -9.58 -7.29
N GLY A 158 21.44 -10.66 -7.42
CA GLY A 158 22.82 -10.60 -6.94
C GLY A 158 22.87 -10.38 -5.43
N SER A 159 23.27 -9.15 -5.04
CA SER A 159 23.31 -8.82 -3.62
C SER A 159 22.05 -8.06 -3.18
N LEU A 160 21.18 -7.79 -4.18
CA LEU A 160 19.95 -7.06 -3.89
C LEU A 160 18.83 -7.98 -3.41
N PRO A 161 17.90 -7.41 -2.63
CA PRO A 161 16.73 -8.13 -2.16
C PRO A 161 15.78 -8.45 -3.31
N ALA A 162 15.64 -9.76 -3.59
CA ALA A 162 14.75 -10.18 -4.67
C ALA A 162 13.58 -9.21 -4.86
N ALA A 163 12.77 -9.08 -3.78
CA ALA A 163 11.56 -8.27 -3.90
C ALA A 163 11.87 -6.77 -3.84
N HIS A 164 11.09 -6.00 -4.64
CA HIS A 164 11.27 -4.56 -4.64
C HIS A 164 10.02 -3.84 -5.17
N ASN A 165 9.72 -2.68 -4.56
CA ASN A 165 8.53 -1.94 -4.96
C ASN A 165 7.27 -2.77 -4.69
N THR A 166 7.31 -3.52 -3.57
CA THR A 166 6.17 -4.37 -3.24
C THR A 166 5.19 -3.66 -2.29
N ASP A 167 4.56 -2.61 -2.82
CA ASP A 167 3.59 -1.87 -2.02
C ASP A 167 2.49 -2.79 -1.49
N GLY A 168 2.11 -2.54 -0.22
CA GLY A 168 1.04 -3.34 0.38
C GLY A 168 -0.33 -2.89 -0.11
N PHE A 169 -0.71 -1.66 0.29
CA PHE A 169 -2.01 -1.14 -0.11
C PHE A 169 -1.88 0.20 -0.82
N ASP A 170 -2.17 0.18 -2.14
CA ASP A 170 -2.18 1.43 -2.89
C ASP A 170 -3.60 1.93 -3.11
N ILE A 171 -3.86 3.16 -2.65
CA ILE A 171 -5.21 3.72 -2.75
C ILE A 171 -5.22 4.99 -3.60
N SER A 172 -6.24 5.06 -4.49
CA SER A 172 -6.36 6.23 -5.35
C SER A 172 -7.79 6.42 -5.85
N SER A 173 -8.17 7.70 -6.06
CA SER A 173 -9.50 8.00 -6.56
C SER A 173 -10.57 7.14 -5.88
N SER A 174 -10.53 7.14 -4.54
CA SER A 174 -11.50 6.37 -3.78
C SER A 174 -12.05 7.17 -2.59
N ASP A 175 -13.22 6.74 -2.10
CA ASP A 175 -13.83 7.45 -0.98
C ASP A 175 -14.37 6.48 0.08
N HIS A 176 -14.19 6.88 1.36
CA HIS A 176 -14.69 6.07 2.45
C HIS A 176 -14.10 4.66 2.43
N VAL A 177 -12.76 4.60 2.32
CA VAL A 177 -12.08 3.31 2.41
C VAL A 177 -11.45 3.11 3.78
N THR A 178 -11.71 1.92 4.36
CA THR A 178 -11.22 1.67 5.71
C THR A 178 -10.30 0.44 5.76
N LEU A 179 -9.07 0.67 6.27
CA LEU A 179 -8.16 -0.44 6.49
C LEU A 179 -7.92 -0.68 7.98
N ASP A 180 -8.26 -1.90 8.42
CA ASP A 180 -8.13 -2.23 9.83
C ASP A 180 -7.58 -3.63 10.06
N ASN A 181 -6.71 -3.75 11.08
CA ASN A 181 -6.16 -5.05 11.42
C ASN A 181 -5.54 -5.74 10.19
N ASN A 182 -4.39 -5.19 9.75
CA ASN A 182 -3.73 -5.76 8.58
C ASN A 182 -2.22 -5.90 8.78
N HIS A 183 -1.72 -7.11 8.45
CA HIS A 183 -0.28 -7.34 8.59
C HIS A 183 0.41 -7.29 7.22
N VAL A 184 1.52 -6.52 7.18
CA VAL A 184 2.19 -6.35 5.89
C VAL A 184 3.71 -6.48 6.01
N TYR A 185 4.22 -7.60 5.47
CA TYR A 185 5.67 -7.76 5.36
C TYR A 185 6.13 -7.62 3.92
N ASN A 186 6.66 -6.42 3.59
CA ASN A 186 7.10 -6.18 2.23
C ASN A 186 8.44 -5.44 2.19
N GLN A 187 8.71 -4.82 1.02
CA GLN A 187 9.96 -4.10 0.86
C GLN A 187 9.73 -2.65 0.46
N ASP A 188 8.46 -2.22 0.54
CA ASP A 188 8.14 -0.84 0.17
C ASP A 188 7.01 -0.27 1.03
N ASP A 189 6.42 0.82 0.51
CA ASP A 189 5.36 1.51 1.24
C ASP A 189 4.32 0.54 1.76
N CYS A 190 4.18 0.49 3.10
CA CYS A 190 3.16 -0.35 3.69
C CYS A 190 1.76 0.02 3.20
N VAL A 191 1.50 1.35 3.24
CA VAL A 191 0.25 1.87 2.72
C VAL A 191 0.45 3.23 2.04
N ALA A 192 0.16 3.27 0.73
CA ALA A 192 0.38 4.51 -0.01
C ALA A 192 -0.92 5.08 -0.57
N VAL A 193 -1.24 6.30 -0.11
CA VAL A 193 -2.45 6.96 -0.61
C VAL A 193 -2.10 8.16 -1.50
N THR A 194 -2.14 7.91 -2.82
CA THR A 194 -1.81 9.00 -3.76
C THR A 194 -3.01 9.93 -3.98
N SER A 195 -4.19 9.44 -3.58
CA SER A 195 -5.40 10.24 -3.75
C SER A 195 -6.63 9.54 -3.17
N GLY A 196 -7.61 10.36 -2.76
CA GLY A 196 -8.82 9.80 -2.18
C GLY A 196 -9.36 10.68 -1.04
N THR A 197 -10.57 10.32 -0.58
CA THR A 197 -11.18 11.08 0.50
C THR A 197 -11.79 10.17 1.57
N ASN A 198 -11.79 10.68 2.82
CA ASN A 198 -12.35 9.89 3.91
C ASN A 198 -11.72 8.50 4.00
N ILE A 199 -10.38 8.48 4.07
CA ILE A 199 -9.68 7.21 4.18
C ILE A 199 -9.24 6.93 5.62
N VAL A 200 -9.49 5.69 6.06
CA VAL A 200 -9.14 5.34 7.43
C VAL A 200 -8.25 4.10 7.49
N VAL A 201 -7.06 4.28 8.09
CA VAL A 201 -6.14 3.16 8.24
C VAL A 201 -5.77 2.94 9.71
N SER A 202 -6.31 1.86 10.30
CA SER A 202 -6.06 1.60 11.71
C SER A 202 -5.58 0.17 11.96
N ASN A 203 -4.95 -0.02 13.13
CA ASN A 203 -4.48 -1.35 13.49
C ASN A 203 -3.63 -1.96 12.37
N MET A 204 -2.64 -1.19 11.91
CA MET A 204 -1.77 -1.68 10.84
C MET A 204 -0.43 -2.17 11.38
N TYR A 205 -0.04 -3.37 10.90
CA TYR A 205 1.25 -3.92 11.32
C TYR A 205 2.25 -3.95 10.15
N CYS A 206 2.98 -2.82 10.01
CA CYS A 206 3.93 -2.73 8.91
C CYS A 206 5.35 -3.10 9.36
N SER A 207 6.07 -3.80 8.46
CA SER A 207 7.43 -4.21 8.79
C SER A 207 8.25 -4.46 7.52
N GLY A 208 9.45 -3.85 7.49
CA GLY A 208 10.33 -4.05 6.34
C GLY A 208 9.92 -3.18 5.16
N GLY A 209 8.77 -2.50 5.33
CA GLY A 209 8.28 -1.63 4.26
C GLY A 209 8.89 -0.23 4.37
N HIS A 210 8.17 0.74 3.77
CA HIS A 210 8.64 2.13 3.85
C HIS A 210 7.75 2.94 4.80
N GLY A 211 6.87 2.21 5.52
CA GLY A 211 5.99 2.88 6.47
C GLY A 211 4.77 3.50 5.79
N LEU A 212 3.78 3.88 6.62
CA LEU A 212 2.59 4.53 6.08
C LEU A 212 2.91 5.92 5.52
N SER A 213 2.97 6.01 4.19
CA SER A 213 3.34 7.27 3.56
C SER A 213 2.24 7.79 2.64
N ILE A 214 2.17 9.13 2.54
CA ILE A 214 1.20 9.74 1.63
C ILE A 214 1.88 10.21 0.34
N GLY A 215 1.33 9.76 -0.79
CA GLY A 215 1.93 10.12 -2.08
C GLY A 215 2.70 8.95 -2.69
N SER A 216 3.66 9.28 -3.56
CA SER A 216 3.90 10.69 -3.88
C SER A 216 2.70 11.31 -4.60
N VAL A 217 2.38 12.56 -4.22
CA VAL A 217 1.24 13.23 -4.84
C VAL A 217 1.69 14.24 -5.90
N GLY A 218 0.94 14.25 -7.01
CA GLY A 218 1.25 15.18 -8.09
C GLY A 218 1.87 14.47 -9.30
N GLY A 219 1.47 14.92 -10.50
CA GLY A 219 2.00 14.33 -11.72
C GLY A 219 1.23 13.07 -12.12
N LYS A 220 0.21 12.74 -11.30
CA LYS A 220 -0.58 11.55 -11.59
C LYS A 220 -1.99 11.92 -12.07
N SER A 221 -2.76 10.88 -12.43
CA SER A 221 -4.13 11.13 -12.86
C SER A 221 -4.94 11.87 -11.80
N ASP A 222 -4.71 11.48 -10.54
CA ASP A 222 -5.40 12.14 -9.44
C ASP A 222 -4.41 12.64 -8.38
N ASN A 223 -4.42 13.97 -8.18
CA ASN A 223 -3.52 14.56 -7.19
C ASN A 223 -4.29 15.32 -6.11
N VAL A 224 -5.30 14.64 -5.55
CA VAL A 224 -6.12 15.29 -4.52
C VAL A 224 -6.38 14.36 -3.33
N VAL A 225 -5.71 14.69 -2.21
CA VAL A 225 -5.93 13.90 -0.99
C VAL A 225 -6.59 14.75 0.10
N ASP A 226 -7.81 14.33 0.48
CA ASP A 226 -8.57 15.10 1.46
C ASP A 226 -9.30 14.20 2.46
N GLY A 227 -8.74 14.13 3.68
CA GLY A 227 -9.39 13.34 4.72
C GLY A 227 -8.80 11.94 4.83
N VAL A 228 -7.61 11.87 5.46
CA VAL A 228 -6.97 10.57 5.69
C VAL A 228 -6.56 10.39 7.15
N GLN A 229 -6.81 9.18 7.69
CA GLN A 229 -6.54 8.96 9.10
C GLN A 229 -5.71 7.69 9.32
N PHE A 230 -4.50 7.90 9.88
CA PHE A 230 -3.69 6.78 10.32
C PHE A 230 -3.74 6.62 11.84
N LEU A 231 -4.42 5.54 12.28
CA LEU A 231 -4.69 5.39 13.70
C LEU A 231 -4.12 4.09 14.28
N SER A 232 -3.84 4.14 15.59
CA SER A 232 -3.31 2.95 16.25
C SER A 232 -2.67 1.99 15.26
N SER A 233 -1.35 2.21 15.03
CA SER A 233 -0.63 1.34 14.10
C SER A 233 0.84 1.19 14.52
N GLN A 234 1.48 0.15 13.96
CA GLN A 234 2.88 -0.11 14.31
C GLN A 234 3.76 -0.25 13.07
N VAL A 235 4.83 0.56 13.03
CA VAL A 235 5.77 0.48 11.92
C VAL A 235 7.17 0.10 12.41
N VAL A 236 7.58 -1.14 12.05
CA VAL A 236 8.88 -1.63 12.53
C VAL A 236 9.81 -2.00 11.38
N ASN A 237 11.12 -1.92 11.67
CA ASN A 237 12.10 -2.29 10.66
C ASN A 237 11.71 -1.75 9.28
N SER A 238 11.46 -0.43 9.23
CA SER A 238 11.08 0.18 7.96
C SER A 238 11.91 1.42 7.66
N GLN A 239 11.91 1.82 6.36
CA GLN A 239 12.63 3.02 5.98
C GLN A 239 12.10 4.26 6.69
N ASN A 240 10.75 4.38 6.67
CA ASN A 240 10.14 5.53 7.33
C ASN A 240 8.86 5.12 8.08
N GLY A 241 8.58 5.88 9.16
CA GLY A 241 7.32 5.62 9.86
C GLY A 241 6.15 6.35 9.20
N CYS A 242 6.12 7.67 9.42
CA CYS A 242 5.11 8.50 8.77
C CYS A 242 5.74 9.43 7.73
N ARG A 243 5.38 9.18 6.46
CA ARG A 243 6.00 9.96 5.39
C ARG A 243 4.95 10.57 4.45
N ILE A 244 5.12 11.89 4.20
CA ILE A 244 4.26 12.56 3.24
C ILE A 244 5.07 13.22 2.14
N LYS A 245 5.00 12.63 0.93
CA LYS A 245 5.87 13.09 -0.13
C LYS A 245 5.07 13.66 -1.31
N SER A 246 5.70 14.63 -2.00
CA SER A 246 5.04 15.21 -3.17
C SER A 246 6.01 15.43 -4.33
N ASN A 247 5.53 15.11 -5.55
CA ASN A 247 6.39 15.24 -6.71
C ASN A 247 6.76 16.70 -6.97
N SER A 248 8.04 16.90 -7.34
CA SER A 248 8.52 18.26 -7.57
C SER A 248 8.03 18.81 -8.92
N GLY A 249 7.53 20.05 -8.88
CA GLY A 249 7.08 20.70 -10.10
C GLY A 249 5.64 20.30 -10.46
N ALA A 250 5.05 19.47 -9.59
CA ALA A 250 3.68 19.02 -9.84
C ALA A 250 2.67 19.78 -8.98
N THR A 251 1.39 19.65 -9.39
CA THR A 251 0.33 20.31 -8.63
C THR A 251 -0.64 19.29 -8.02
N GLY A 252 -1.18 19.63 -6.85
CA GLY A 252 -2.13 18.73 -6.19
C GLY A 252 -2.64 19.32 -4.87
N THR A 253 -3.22 18.43 -4.04
CA THR A 253 -3.78 18.90 -2.78
C THR A 253 -3.74 17.81 -1.69
N ILE A 254 -3.15 18.17 -0.55
CA ILE A 254 -3.13 17.25 0.59
C ILE A 254 -3.66 17.92 1.86
N ASN A 255 -4.95 17.66 2.13
CA ASN A 255 -5.57 18.30 3.28
C ASN A 255 -6.19 17.29 4.24
N ASN A 256 -6.28 17.70 5.52
CA ASN A 256 -6.90 16.84 6.52
C ASN A 256 -6.23 15.47 6.59
N VAL A 257 -4.93 15.48 6.95
CA VAL A 257 -4.22 14.22 7.14
C VAL A 257 -3.70 14.11 8.58
N THR A 258 -4.09 13.00 9.25
CA THR A 258 -3.77 12.89 10.66
C THR A 258 -3.07 11.57 11.00
N TYR A 259 -1.88 11.70 11.60
CA TYR A 259 -1.19 10.53 12.14
C TYR A 259 -1.34 10.46 13.66
N GLN A 260 -2.18 9.50 14.11
CA GLN A 260 -2.46 9.42 15.54
C GLN A 260 -2.15 8.03 16.11
N ASN A 261 -1.45 8.04 17.27
CA ASN A 261 -1.15 6.78 17.94
C ASN A 261 -0.35 5.83 17.04
N ILE A 262 0.80 6.33 16.56
CA ILE A 262 1.65 5.50 15.72
C ILE A 262 2.97 5.16 16.42
N ALA A 263 3.19 3.85 16.62
CA ALA A 263 4.42 3.41 17.27
C ALA A 263 5.48 3.03 16.25
N LEU A 264 6.66 3.68 16.38
CA LEU A 264 7.75 3.39 15.46
C LEU A 264 8.84 2.55 16.13
N THR A 265 9.50 1.71 15.30
CA THR A 265 10.55 0.86 15.84
C THR A 265 11.61 0.53 14.80
N ASN A 266 12.85 0.96 15.09
CA ASN A 266 13.95 0.66 14.20
C ASN A 266 13.75 1.25 12.80
N ILE A 267 13.50 2.58 12.77
CA ILE A 267 13.40 3.26 11.48
C ILE A 267 14.78 3.58 10.92
N SER A 268 14.93 3.41 9.60
CA SER A 268 16.25 3.49 9.00
C SER A 268 16.68 4.93 8.69
N THR A 269 15.74 5.70 8.11
CA THR A 269 16.11 7.03 7.64
C THR A 269 15.23 8.13 8.25
N TYR A 270 13.91 7.98 8.04
CA TYR A 270 12.99 9.02 8.49
C TYR A 270 11.97 8.48 9.49
N GLY A 271 11.98 9.07 10.71
CA GLY A 271 10.91 8.77 11.64
C GLY A 271 9.60 9.40 11.16
N VAL A 272 9.67 10.71 10.89
CA VAL A 272 8.56 11.39 10.24
C VAL A 272 9.06 12.24 9.06
N ASP A 273 8.61 11.87 7.86
CA ASP A 273 9.12 12.54 6.66
C ASP A 273 8.03 13.31 5.92
N VAL A 274 8.29 14.61 5.71
CA VAL A 274 7.37 15.41 4.93
C VAL A 274 8.12 16.33 3.96
N GLN A 275 8.21 15.87 2.70
CA GLN A 275 8.97 16.64 1.71
C GLN A 275 8.19 16.81 0.41
N GLN A 276 8.52 17.91 -0.31
CA GLN A 276 7.88 18.14 -1.59
C GLN A 276 8.90 18.29 -2.72
N ASP A 277 9.94 17.45 -2.64
CA ASP A 277 11.03 17.54 -3.62
C ASP A 277 11.31 16.19 -4.27
N TYR A 278 10.25 15.39 -4.41
CA TYR A 278 10.42 14.06 -5.01
C TYR A 278 10.35 14.11 -6.53
N LEU A 279 11.42 13.59 -7.15
CA LEU A 279 11.47 13.57 -8.61
C LEU A 279 11.99 12.23 -9.14
N ASN A 280 11.07 11.47 -9.76
CA ASN A 280 11.45 10.18 -10.30
C ASN A 280 11.75 9.16 -9.19
N GLY A 281 10.94 9.25 -8.12
CA GLY A 281 11.11 8.31 -7.02
C GLY A 281 12.35 8.62 -6.18
N GLY A 282 12.85 9.86 -6.34
CA GLY A 282 14.03 10.26 -5.58
C GLY A 282 13.97 11.73 -5.16
N PRO A 283 14.51 11.99 -3.95
CA PRO A 283 14.56 13.35 -3.42
C PRO A 283 15.51 14.24 -4.22
N THR A 284 15.09 15.50 -4.41
CA THR A 284 15.90 16.43 -5.18
C THR A 284 16.64 17.43 -4.27
N GLY A 285 15.99 17.72 -3.12
CA GLY A 285 16.59 18.68 -2.19
C GLY A 285 15.97 20.07 -2.35
N LYS A 286 15.29 20.25 -3.50
CA LYS A 286 14.64 21.54 -3.75
C LYS A 286 13.12 21.38 -3.85
N PRO A 287 12.44 21.66 -2.72
CA PRO A 287 11.00 21.50 -2.63
C PRO A 287 10.23 22.57 -3.41
N THR A 288 9.11 22.14 -4.01
CA THR A 288 8.26 23.10 -4.72
C THR A 288 6.96 23.36 -3.96
N ASN A 289 6.20 24.37 -4.43
CA ASN A 289 4.98 24.73 -3.73
C ASN A 289 3.75 24.60 -4.64
N GLY A 290 3.86 23.65 -5.60
CA GLY A 290 2.73 23.41 -6.48
C GLY A 290 1.63 22.60 -5.78
N VAL A 291 2.09 21.69 -4.89
CA VAL A 291 1.14 20.90 -4.11
C VAL A 291 0.91 21.51 -2.73
N LYS A 292 -0.37 21.87 -2.48
CA LYS A 292 -0.70 22.53 -1.22
C LYS A 292 -1.00 21.50 -0.11
N ILE A 293 -0.14 21.51 0.93
CA ILE A 293 -0.39 20.65 2.08
C ILE A 293 -0.93 21.46 3.26
N SER A 294 -2.13 21.07 3.72
CA SER A 294 -2.76 21.81 4.80
C SER A 294 -3.44 20.89 5.81
N ASN A 295 -3.55 21.39 7.06
CA ASN A 295 -4.24 20.63 8.10
C ASN A 295 -3.63 19.25 8.30
N ILE A 296 -2.33 19.25 8.66
CA ILE A 296 -1.66 17.98 8.95
C ILE A 296 -1.45 17.79 10.45
N LYS A 297 -1.85 16.62 10.96
CA LYS A 297 -1.82 16.41 12.40
C LYS A 297 -0.93 15.22 12.79
N PHE A 298 0.07 15.52 13.63
CA PHE A 298 0.89 14.45 14.19
C PHE A 298 0.63 14.29 15.69
N ILE A 299 -0.27 13.33 16.01
CA ILE A 299 -0.69 13.18 17.40
C ILE A 299 -0.17 11.88 18.02
N LYS A 300 0.63 12.04 19.09
CA LYS A 300 1.10 10.87 19.83
C LYS A 300 1.88 9.90 18.94
N VAL A 301 2.85 10.47 18.18
CA VAL A 301 3.71 9.63 17.37
C VAL A 301 5.01 9.29 18.10
N THR A 302 5.00 8.13 18.78
CA THR A 302 6.15 7.74 19.59
C THR A 302 6.91 6.56 18.97
N GLY A 303 8.01 6.19 19.63
CA GLY A 303 8.81 5.08 19.11
C GLY A 303 10.28 5.47 18.98
N THR A 304 11.06 4.58 18.34
CA THR A 304 12.49 4.86 18.21
C THR A 304 12.97 4.63 16.77
N VAL A 305 13.96 5.45 16.38
CA VAL A 305 14.55 5.28 15.05
C VAL A 305 16.03 4.90 15.13
N ALA A 306 16.48 4.12 14.13
CA ALA A 306 17.88 3.74 14.10
C ALA A 306 18.80 4.96 14.13
N SER A 307 20.05 4.72 14.55
CA SER A 307 21.01 5.81 14.64
C SER A 307 21.27 6.44 13.26
N SER A 308 20.86 5.70 12.21
CA SER A 308 21.19 6.17 10.87
C SER A 308 20.08 7.04 10.27
N ALA A 309 19.03 7.28 11.09
CA ALA A 309 17.89 8.03 10.57
C ALA A 309 17.63 9.31 11.37
N GLN A 310 16.86 10.22 10.74
CA GLN A 310 16.50 11.46 11.45
C GLN A 310 15.09 11.37 12.05
N ASP A 311 15.00 11.74 13.34
CA ASP A 311 13.69 11.77 13.98
C ASP A 311 12.65 12.42 13.08
N TRP A 312 12.87 13.72 12.80
CA TRP A 312 11.95 14.47 11.96
C TRP A 312 12.64 15.01 10.70
N PHE A 313 11.91 14.94 9.58
CA PHE A 313 12.40 15.58 8.37
C PHE A 313 11.27 16.26 7.60
N ILE A 314 11.23 17.60 7.71
CA ILE A 314 10.19 18.35 7.03
C ILE A 314 10.77 19.32 6.00
N LEU A 315 10.53 19.00 4.71
CA LEU A 315 11.01 19.88 3.65
C LEU A 315 9.85 20.43 2.81
N CYS A 316 9.12 21.40 3.41
CA CYS A 316 7.95 21.93 2.73
C CYS A 316 8.35 22.94 1.64
N GLY A 317 7.41 23.14 0.70
CA GLY A 317 7.65 24.12 -0.36
C GLY A 317 7.52 25.54 0.17
N ASP A 318 7.71 26.51 -0.74
CA ASP A 318 7.67 27.90 -0.31
C ASP A 318 6.23 28.39 -0.13
N GLY A 319 5.68 28.16 1.07
CA GLY A 319 4.35 28.67 1.37
C GLY A 319 3.26 27.70 0.91
N SER A 320 3.65 26.44 0.68
CA SER A 320 2.69 25.45 0.24
C SER A 320 2.20 24.59 1.41
N CYS A 321 2.74 24.89 2.61
CA CYS A 321 2.34 24.13 3.80
C CYS A 321 1.65 25.04 4.84
N SER A 322 0.60 24.47 5.47
CA SER A 322 -0.15 25.25 6.45
C SER A 322 -0.95 24.37 7.41
N GLY A 323 -1.20 24.91 8.61
CA GLY A 323 -2.01 24.17 9.59
C GLY A 323 -1.32 22.85 10.01
N PHE A 324 -0.08 22.85 10.49
CA PHE A 324 0.50 21.62 11.02
C PHE A 324 0.33 21.59 12.54
N THR A 325 -0.15 20.48 13.06
CA THR A 325 -0.35 20.37 14.51
C THR A 325 0.50 19.20 14.99
N PHE A 326 1.19 19.38 16.11
CA PHE A 326 2.03 18.37 16.72
C PHE A 326 1.60 18.23 18.17
N SER A 327 1.22 17.03 18.57
CA SER A 327 0.82 16.84 19.98
C SER A 327 1.27 15.49 20.52
N GLY A 328 1.97 15.49 21.67
CA GLY A 328 2.33 14.21 22.27
C GLY A 328 3.30 13.30 21.56
N ASN A 329 4.03 13.78 20.57
CA ASN A 329 5.01 12.98 19.85
C ASN A 329 6.23 12.75 20.72
N ALA A 330 6.88 11.60 20.54
CA ALA A 330 8.08 11.27 21.30
C ALA A 330 8.93 10.28 20.52
N ILE A 331 9.57 10.81 19.49
CA ILE A 331 10.43 10.04 18.59
C ILE A 331 11.87 10.26 19.03
N THR A 332 12.60 9.18 19.26
CA THR A 332 13.98 9.36 19.72
C THR A 332 14.85 8.35 19.00
N GLY A 333 16.16 8.56 19.11
CA GLY A 333 17.08 7.60 18.52
C GLY A 333 17.91 8.09 17.36
N GLY A 334 17.46 9.10 16.63
CA GLY A 334 18.15 9.56 15.43
C GLY A 334 19.59 10.00 15.66
N GLY A 335 20.51 9.55 14.84
CA GLY A 335 21.92 9.92 14.96
C GLY A 335 22.28 11.13 14.10
N LYS A 336 21.34 11.58 13.28
CA LYS A 336 21.57 12.74 12.42
C LYS A 336 20.56 13.79 12.88
N THR A 337 21.00 15.03 13.07
CA THR A 337 20.11 16.06 13.53
C THR A 337 18.88 16.16 12.64
N SER A 338 17.71 16.25 13.25
CA SER A 338 16.49 16.41 12.47
C SER A 338 16.54 17.75 11.73
N SER A 339 15.80 17.84 10.63
CA SER A 339 15.82 19.09 9.86
C SER A 339 14.41 19.41 9.40
N CYS A 340 13.88 20.55 9.82
CA CYS A 340 12.68 20.94 9.06
C CYS A 340 12.49 22.47 9.03
N ASN A 341 11.67 22.74 7.99
CA ASN A 341 11.52 24.13 7.57
C ASN A 341 10.07 24.60 7.64
N TYR A 342 9.28 23.88 8.45
CA TYR A 342 7.91 24.31 8.74
C TYR A 342 7.38 23.57 9.96
N PRO A 343 6.58 24.27 10.78
CA PRO A 343 6.14 25.64 10.48
C PRO A 343 7.29 26.66 10.56
N THR A 344 8.31 26.33 11.36
CA THR A 344 9.52 27.15 11.38
C THR A 344 10.75 26.30 11.06
N ASN A 345 11.93 26.81 11.48
CA ASN A 345 13.16 26.08 11.18
C ASN A 345 13.57 25.14 12.33
N THR A 346 12.62 24.91 13.25
CA THR A 346 12.82 23.96 14.34
C THR A 346 11.83 22.81 14.28
N CYS A 347 12.29 21.64 14.74
CA CYS A 347 11.41 20.46 14.78
C CYS A 347 11.24 19.96 16.20
N PRO A 348 10.32 18.98 16.35
CA PRO A 348 10.10 18.34 17.62
C PRO A 348 11.39 17.79 18.21
N SER A 349 12.45 17.86 17.38
CA SER A 349 13.76 17.38 17.84
C SER A 349 13.80 15.86 17.93
#